data_5L3U
#
_entry.id   5L3U
#
_cell.length_a   92.793
_cell.length_b   92.793
_cell.length_c   131.074
_cell.angle_alpha   90.00
_cell.angle_beta   90.00
_cell.angle_gamma   120.00
#
_symmetry.space_group_name_H-M   'P 61 2 2'
#
loop_
_entity.id
_entity.type
_entity.pdbx_description
1 polymer Thermolysin
2 non-polymer 'ZINC ION'
3 non-polymer 'CALCIUM ION'
4 non-polymer 'DIMETHYL SULFOXIDE'
5 non-polymer N~2~-[(R)-({[(benzyloxy)carbonyl]amino}methyl)(hydroxy)phosphoryl]-N-[(2R)-2,3,3-trimethylbutyl]-L-leucinamide
6 water water
#
_entity_poly.entity_id   1
_entity_poly.type   'polypeptide(L)'
_entity_poly.pdbx_seq_one_letter_code
;ITGTSTVGVGRGVLGDQKNINTTYSTYYYLQDNTRGNGIFTYDAKYRTTLPGSLWADADNQFFASYDAPAVDAHYYAGVT
YDYYKNVHNRLSYDGNNAAIRSSVHYSQGYNNAFWNGSQMVYGDGDGQTFIPLSGGIDVVAHELTHAVTDYTAGLIYQNE
SGAINEAISDIFGTLVEFYANKNPDWEIGEDVYTPGISGDSLRSMSDPAKYGDPDHYSKRYTGTQDNGGVHINSGIINKA
AYLISQGGTHYGVSVVGIGRDKLGKIFYRALTQYLTPTSNFSQLRAAAVQSATDLYGSTSQEVASVKQAFDAVGVK
;
_entity_poly.pdbx_strand_id   E
#
loop_
_chem_comp.id
_chem_comp.type
_chem_comp.name
_chem_comp.formula
6NG non-polymer N~2~-[(R)-({[(benzyloxy)carbonyl]amino}methyl)(hydroxy)phosphoryl]-N-[(2R)-2,3,3-trimethylbutyl]-L-leucinamide 'C22 H38 N3 O5 P'
CA non-polymer 'CALCIUM ION' 'Ca 2'
DMS non-polymer 'DIMETHYL SULFOXIDE' 'C2 H6 O S'
ZN non-polymer 'ZINC ION' 'Zn 2'
#
# COMPACT_ATOMS: atom_id res chain seq x y z
N ILE A 1 -14.31 -4.93 21.08
CA ILE A 1 -15.38 -5.20 22.04
C ILE A 1 -15.58 -6.70 22.14
N THR A 2 -16.10 -7.16 23.26
CA THR A 2 -16.46 -8.56 23.43
C THR A 2 -17.80 -8.83 22.78
N GLY A 3 -17.86 -9.86 21.96
CA GLY A 3 -19.12 -10.21 21.32
C GLY A 3 -18.90 -11.45 20.49
N THR A 4 -19.81 -11.72 19.57
CA THR A 4 -19.71 -12.91 18.73
C THR A 4 -19.46 -12.52 17.29
N SER A 5 -18.65 -13.31 16.61
CA SER A 5 -18.28 -13.01 15.23
C SER A 5 -19.44 -13.24 14.29
N THR A 6 -19.66 -12.27 13.41
CA THR A 6 -20.80 -12.26 12.50
C THR A 6 -20.30 -11.88 11.10
N VAL A 7 -21.19 -12.00 10.12
CA VAL A 7 -20.85 -11.67 8.73
C VAL A 7 -21.92 -10.73 8.20
N GLY A 8 -21.53 -9.49 7.93
CA GLY A 8 -22.40 -8.49 7.34
C GLY A 8 -22.18 -8.41 5.83
N VAL A 9 -23.02 -7.62 5.19
N VAL A 9 -22.99 -7.58 5.21
CA VAL A 9 -22.91 -7.40 3.75
CA VAL A 9 -22.97 -7.39 3.76
C VAL A 9 -23.06 -5.92 3.49
C VAL A 9 -23.07 -5.90 3.50
N GLY A 10 -22.30 -5.41 2.54
CA GLY A 10 -22.39 -4.01 2.21
C GLY A 10 -21.88 -3.70 0.83
N ARG A 11 -21.83 -2.41 0.54
CA ARG A 11 -21.36 -1.92 -0.75
C ARG A 11 -20.21 -0.95 -0.51
N GLY A 12 -19.16 -1.09 -1.31
CA GLY A 12 -18.02 -0.23 -1.22
C GLY A 12 -18.15 1.05 -2.02
N VAL A 13 -17.07 1.83 -2.01
CA VAL A 13 -17.00 3.14 -2.66
C VAL A 13 -17.37 3.07 -4.13
N LEU A 14 -16.97 2.02 -4.83
N LEU A 14 -16.95 2.02 -4.82
CA LEU A 14 -17.24 1.86 -6.25
CA LEU A 14 -17.22 1.88 -6.25
C LEU A 14 -18.50 1.07 -6.55
C LEU A 14 -18.56 1.23 -6.56
N GLY A 15 -19.32 0.82 -5.54
CA GLY A 15 -20.66 0.28 -5.76
C GLY A 15 -20.72 -1.23 -5.75
N ASP A 16 -19.63 -1.88 -5.44
CA ASP A 16 -19.56 -3.34 -5.45
C ASP A 16 -19.96 -3.92 -4.11
N GLN A 17 -20.66 -5.05 -4.14
CA GLN A 17 -21.12 -5.70 -2.93
C GLN A 17 -20.05 -6.64 -2.40
N LYS A 18 -19.87 -6.66 -1.08
CA LYS A 18 -18.94 -7.60 -0.47
C LYS A 18 -19.41 -7.96 0.93
N ASN A 19 -19.01 -9.15 1.38
CA ASN A 19 -19.23 -9.56 2.76
C ASN A 19 -18.10 -9.02 3.64
N ILE A 20 -18.44 -8.67 4.88
N ILE A 20 -18.44 -8.66 4.88
CA ILE A 20 -17.47 -8.15 5.84
CA ILE A 20 -17.46 -8.18 5.84
C ILE A 20 -17.64 -8.85 7.18
C ILE A 20 -17.63 -8.90 7.17
N ASN A 21 -16.51 -9.10 7.84
CA ASN A 21 -16.49 -9.72 9.16
C ASN A 21 -16.78 -8.66 10.22
N THR A 22 -17.83 -8.89 10.99
CA THR A 22 -18.29 -7.97 12.01
C THR A 22 -18.37 -8.68 13.36
N THR A 23 -18.72 -7.93 14.40
CA THR A 23 -18.91 -8.47 15.74
C THR A 23 -20.23 -7.96 16.29
N TYR A 24 -21.04 -8.86 16.85
CA TYR A 24 -22.32 -8.48 17.41
C TYR A 24 -22.25 -8.41 18.94
N SER A 25 -22.64 -7.25 19.47
CA SER A 25 -22.88 -7.05 20.90
C SER A 25 -23.76 -5.81 20.97
N THR A 26 -25.08 -6.03 20.98
CA THR A 26 -26.11 -4.99 20.87
C THR A 26 -26.18 -4.38 19.47
N TYR A 27 -25.08 -3.78 19.05
CA TYR A 27 -24.85 -3.34 17.68
C TYR A 27 -23.96 -4.33 16.96
N TYR A 28 -23.91 -4.23 15.64
CA TYR A 28 -22.91 -4.87 14.82
C TYR A 28 -21.77 -3.89 14.58
N TYR A 29 -20.56 -4.29 14.93
CA TYR A 29 -19.39 -3.45 14.83
C TYR A 29 -18.48 -3.91 13.70
N LEU A 30 -17.78 -2.95 13.08
CA LEU A 30 -16.71 -3.29 12.13
C LEU A 30 -15.47 -3.72 12.90
N GLN A 31 -15.55 -4.98 13.33
CA GLN A 31 -14.51 -5.65 14.11
C GLN A 31 -14.46 -7.07 13.57
N ASP A 32 -13.37 -7.37 12.86
CA ASP A 32 -13.12 -8.67 12.24
C ASP A 32 -12.22 -9.47 13.16
N ASN A 33 -12.79 -10.51 13.80
CA ASN A 33 -12.03 -11.33 14.73
C ASN A 33 -11.31 -12.48 14.06
N THR A 34 -11.46 -12.64 12.75
CA THR A 34 -10.94 -13.81 12.04
C THR A 34 -9.46 -13.68 11.71
N ARG A 35 -8.88 -12.49 11.90
CA ARG A 35 -7.52 -12.21 11.48
C ARG A 35 -6.75 -11.65 12.67
N GLY A 36 -5.75 -12.40 13.12
CA GLY A 36 -4.88 -11.93 14.19
C GLY A 36 -5.66 -11.54 15.43
N ASN A 37 -5.27 -10.41 16.03
CA ASN A 37 -5.97 -9.84 17.17
C ASN A 37 -6.97 -8.78 16.74
N GLY A 38 -7.46 -8.88 15.52
CA GLY A 38 -8.60 -8.13 15.05
C GLY A 38 -8.23 -7.04 14.05
N ILE A 39 -9.22 -6.70 13.23
CA ILE A 39 -9.22 -5.54 12.35
C ILE A 39 -10.42 -4.70 12.77
N PHE A 40 -10.18 -3.44 13.08
CA PHE A 40 -11.15 -2.53 13.68
C PHE A 40 -11.24 -1.28 12.81
N THR A 41 -12.48 -0.89 12.45
CA THR A 41 -12.69 0.28 11.61
C THR A 41 -13.59 1.29 12.34
N TYR A 42 -13.18 2.56 12.31
CA TYR A 42 -13.73 3.63 13.11
C TYR A 42 -14.29 4.74 12.24
N ASP A 43 -15.28 5.45 12.77
CA ASP A 43 -15.87 6.65 12.16
C ASP A 43 -15.23 7.89 12.78
N ALA A 44 -14.49 8.67 11.97
CA ALA A 44 -13.96 9.95 12.42
C ALA A 44 -14.93 11.11 12.23
N LYS A 45 -16.09 10.88 11.60
CA LYS A 45 -17.22 11.82 11.61
C LYS A 45 -16.86 13.19 11.07
N TYR A 46 -16.00 13.26 10.06
CA TYR A 46 -15.55 14.47 9.40
C TYR A 46 -14.63 15.32 10.27
N ARG A 47 -14.22 14.84 11.43
CA ARG A 47 -13.32 15.57 12.29
C ARG A 47 -11.92 15.00 12.21
N THR A 48 -11.01 15.59 12.98
CA THR A 48 -9.61 15.24 12.96
C THR A 48 -9.14 14.60 14.26
N THR A 49 -10.05 14.35 15.19
N THR A 49 -10.05 14.42 15.22
CA THR A 49 -9.73 13.65 16.44
CA THR A 49 -9.76 13.64 16.41
C THR A 49 -9.82 12.15 16.21
C THR A 49 -9.74 12.16 16.03
N LEU A 50 -8.73 11.44 16.52
CA LEU A 50 -8.56 10.03 16.18
C LEU A 50 -8.51 9.16 17.43
N PRO A 51 -9.04 7.91 17.34
CA PRO A 51 -9.57 7.30 16.11
C PRO A 51 -11.03 7.65 15.76
N GLY A 52 -11.76 8.27 16.68
CA GLY A 52 -13.19 8.35 16.53
C GLY A 52 -13.84 7.16 17.19
N SER A 53 -15.01 6.77 16.70
N SER A 53 -15.05 6.83 16.77
CA SER A 53 -15.82 5.75 17.34
CA SER A 53 -15.80 5.75 17.43
C SER A 53 -15.76 4.45 16.56
C SER A 53 -15.82 4.47 16.60
N LEU A 54 -15.64 3.34 17.26
CA LEU A 54 -15.69 2.04 16.57
C LEU A 54 -17.00 1.96 15.80
N TRP A 55 -16.93 1.59 14.52
CA TRP A 55 -18.11 1.72 13.66
C TRP A 55 -19.22 0.77 14.11
N ALA A 56 -20.37 1.33 14.44
CA ALA A 56 -21.54 0.60 14.93
C ALA A 56 -22.67 0.71 13.93
N ASP A 57 -23.39 -0.39 13.73
CA ASP A 57 -24.48 -0.46 12.78
C ASP A 57 -25.60 -1.33 13.35
N ALA A 58 -26.84 -0.91 13.17
CA ALA A 58 -27.95 -1.58 13.83
C ALA A 58 -28.29 -2.95 13.22
N ASP A 59 -28.08 -3.17 11.92
CA ASP A 59 -28.63 -4.34 11.25
C ASP A 59 -27.63 -5.19 10.47
N ASN A 60 -26.34 -4.87 10.50
CA ASN A 60 -25.32 -5.68 9.83
C ASN A 60 -25.38 -5.56 8.31
N GLN A 61 -26.10 -4.58 7.79
CA GLN A 61 -26.17 -4.27 6.36
C GLN A 61 -25.57 -2.88 6.15
N PHE A 62 -24.66 -2.75 5.19
CA PHE A 62 -23.82 -1.56 5.06
C PHE A 62 -23.93 -1.00 3.64
N PHE A 63 -25.15 -0.61 3.25
CA PHE A 63 -25.44 -0.13 1.90
C PHE A 63 -25.65 1.38 1.82
N ALA A 64 -25.53 2.11 2.92
CA ALA A 64 -25.70 3.56 2.87
C ALA A 64 -24.46 4.18 2.26
N SER A 65 -24.62 5.34 1.62
N SER A 65 -24.63 5.33 1.61
CA SER A 65 -23.46 6.00 1.04
CA SER A 65 -23.48 6.02 1.06
C SER A 65 -22.41 6.31 2.13
C SER A 65 -22.43 6.29 2.11
N TYR A 66 -22.85 6.70 3.32
CA TYR A 66 -21.91 7.00 4.40
C TYR A 66 -21.11 5.75 4.80
N ASP A 67 -21.66 4.56 4.60
CA ASP A 67 -21.00 3.33 4.99
C ASP A 67 -19.87 2.93 4.03
N ALA A 68 -19.93 3.37 2.77
CA ALA A 68 -19.07 2.80 1.74
C ALA A 68 -17.59 2.91 2.04
N PRO A 69 -17.05 4.03 2.53
CA PRO A 69 -15.61 4.07 2.82
C PRO A 69 -15.21 3.13 3.93
N ALA A 70 -16.11 2.90 4.89
CA ALA A 70 -15.82 2.00 6.00
C ALA A 70 -15.77 0.55 5.52
N VAL A 71 -16.74 0.16 4.69
CA VAL A 71 -16.77 -1.18 4.11
C VAL A 71 -15.43 -1.50 3.45
N ASP A 72 -14.93 -0.59 2.60
CA ASP A 72 -13.71 -0.86 1.86
C ASP A 72 -12.47 -0.80 2.73
N ALA A 73 -12.37 0.17 3.66
CA ALA A 73 -11.20 0.19 4.55
C ALA A 73 -11.11 -1.14 5.31
N HIS A 74 -12.24 -1.63 5.79
CA HIS A 74 -12.30 -2.84 6.60
C HIS A 74 -11.95 -4.06 5.75
N TYR A 75 -12.59 -4.19 4.59
CA TYR A 75 -12.41 -5.35 3.72
C TYR A 75 -10.98 -5.39 3.14
N TYR A 76 -10.48 -4.26 2.67
CA TYR A 76 -9.15 -4.25 2.05
C TYR A 76 -8.05 -4.39 3.10
N ALA A 77 -8.26 -3.96 4.33
CA ALA A 77 -7.31 -4.29 5.40
C ALA A 77 -7.22 -5.80 5.58
N GLY A 78 -8.36 -6.51 5.49
CA GLY A 78 -8.35 -7.97 5.55
C GLY A 78 -7.57 -8.61 4.42
N VAL A 79 -7.77 -8.13 3.18
CA VAL A 79 -7.00 -8.68 2.06
C VAL A 79 -5.51 -8.47 2.28
N THR A 80 -5.13 -7.28 2.76
CA THR A 80 -3.72 -6.99 2.97
C THR A 80 -3.13 -7.88 4.06
N TYR A 81 -3.86 -8.06 5.16
CA TYR A 81 -3.46 -9.01 6.20
C TYR A 81 -3.21 -10.38 5.59
N ASP A 82 -4.14 -10.84 4.76
CA ASP A 82 -4.02 -12.16 4.16
C ASP A 82 -2.78 -12.25 3.26
N TYR A 83 -2.51 -11.21 2.47
CA TYR A 83 -1.32 -11.22 1.65
C TYR A 83 -0.08 -11.41 2.50
N TYR A 84 0.10 -10.57 3.52
CA TYR A 84 1.32 -10.68 4.31
C TYR A 84 1.43 -12.05 5.00
N LYS A 85 0.31 -12.57 5.54
CA LYS A 85 0.36 -13.85 6.22
C LYS A 85 0.60 -14.99 5.24
N ASN A 86 -0.17 -15.05 4.17
CA ASN A 86 -0.10 -16.20 3.26
C ASN A 86 1.13 -16.17 2.37
N VAL A 87 1.58 -15.01 1.95
CA VAL A 87 2.70 -14.92 1.01
C VAL A 87 4.04 -14.80 1.75
N HIS A 88 4.09 -14.05 2.85
CA HIS A 88 5.36 -13.76 3.53
C HIS A 88 5.43 -14.33 4.94
N ASN A 89 4.42 -15.07 5.39
CA ASN A 89 4.41 -15.63 6.74
C ASN A 89 4.61 -14.54 7.79
N ARG A 90 4.02 -13.37 7.56
CA ARG A 90 4.09 -12.25 8.50
C ARG A 90 2.71 -12.04 9.09
N LEU A 91 2.63 -12.00 10.42
CA LEU A 91 1.37 -11.86 11.17
C LEU A 91 1.19 -10.39 11.55
N SER A 92 0.35 -9.70 10.77
CA SER A 92 0.10 -8.28 10.93
C SER A 92 1.36 -7.43 10.75
N TYR A 93 1.25 -6.14 11.03
CA TYR A 93 2.34 -5.24 10.68
C TYR A 93 3.55 -5.39 11.58
N ASP A 94 3.35 -5.84 12.82
CA ASP A 94 4.45 -6.01 13.77
C ASP A 94 4.97 -7.43 13.81
N GLY A 95 4.41 -8.35 13.04
CA GLY A 95 4.81 -9.74 13.08
C GLY A 95 4.24 -10.52 14.23
N ASN A 96 3.47 -9.88 15.12
CA ASN A 96 2.90 -10.49 16.32
C ASN A 96 1.40 -10.28 16.39
N ASN A 97 0.75 -10.14 15.23
CA ASN A 97 -0.69 -10.02 15.16
C ASN A 97 -1.25 -8.80 15.88
N ALA A 98 -0.52 -7.65 15.83
CA ALA A 98 -1.10 -6.42 16.34
C ALA A 98 -2.46 -6.15 15.70
N ALA A 99 -3.39 -5.64 16.52
CA ALA A 99 -4.67 -5.17 16.01
C ALA A 99 -4.46 -4.09 14.95
N ILE A 100 -5.23 -4.18 13.87
CA ILE A 100 -5.16 -3.24 12.76
C ILE A 100 -6.34 -2.28 12.86
N ARG A 101 -6.07 -1.00 12.99
CA ARG A 101 -7.10 0.02 13.18
C ARG A 101 -7.08 1.04 12.06
N SER A 102 -8.26 1.38 11.55
CA SER A 102 -8.43 2.39 10.49
C SER A 102 -9.56 3.32 10.86
N SER A 103 -9.42 4.62 10.52
CA SER A 103 -10.53 5.57 10.62
C SER A 103 -10.83 6.12 9.24
N VAL A 104 -12.13 6.22 8.93
CA VAL A 104 -12.61 6.80 7.69
C VAL A 104 -13.42 8.06 8.02
N HIS A 105 -13.79 8.79 6.97
CA HIS A 105 -14.42 10.10 7.11
C HIS A 105 -13.54 11.04 7.93
N TYR A 106 -12.23 10.99 7.71
CA TYR A 106 -11.32 11.92 8.36
C TYR A 106 -11.39 13.30 7.71
N SER A 107 -11.64 14.32 8.53
CA SER A 107 -11.65 15.72 8.11
C SER A 107 -12.71 15.96 7.03
N GLN A 108 -12.60 17.08 6.33
CA GLN A 108 -13.53 17.48 5.27
C GLN A 108 -12.74 17.75 3.99
N GLY A 109 -13.17 17.14 2.89
CA GLY A 109 -12.50 17.37 1.62
C GLY A 109 -11.07 16.90 1.59
N TYR A 110 -10.72 15.89 2.38
CA TYR A 110 -9.32 15.58 2.66
C TYR A 110 -8.78 14.64 1.58
N ASN A 111 -7.85 15.18 0.78
CA ASN A 111 -7.30 14.50 -0.39
C ASN A 111 -6.01 13.72 -0.05
N ASN A 112 -6.12 12.80 0.91
CA ASN A 112 -4.95 12.03 1.30
C ASN A 112 -5.39 10.89 2.22
N ALA A 113 -4.44 10.01 2.50
CA ALA A 113 -4.55 8.93 3.47
C ALA A 113 -3.18 8.76 4.09
N PHE A 114 -3.11 8.22 5.30
CA PHE A 114 -1.82 8.12 5.96
C PHE A 114 -1.88 7.11 7.11
N TRP A 115 -0.70 6.64 7.50
CA TRP A 115 -0.46 5.94 8.76
C TRP A 115 0.09 6.97 9.73
N ASN A 116 -0.54 7.10 10.91
CA ASN A 116 -0.17 8.18 11.84
C ASN A 116 0.80 7.76 12.92
N GLY A 117 1.44 6.59 12.76
CA GLY A 117 2.29 5.98 13.76
C GLY A 117 1.61 4.85 14.51
N SER A 118 0.28 4.81 14.48
CA SER A 118 -0.51 3.86 15.24
C SER A 118 -1.71 3.28 14.49
N GLN A 119 -2.18 3.91 13.42
CA GLN A 119 -3.39 3.50 12.74
C GLN A 119 -3.40 4.09 11.33
N MET A 120 -4.28 3.55 10.50
CA MET A 120 -4.55 4.11 9.17
C MET A 120 -5.67 5.14 9.24
N VAL A 121 -5.59 6.12 8.36
CA VAL A 121 -6.50 7.27 8.32
C VAL A 121 -6.82 7.58 6.87
N TYR A 122 -8.11 7.68 6.53
CA TYR A 122 -8.52 7.93 5.15
C TYR A 122 -9.42 9.15 5.05
N GLY A 123 -9.05 10.09 4.21
CA GLY A 123 -9.97 11.14 3.81
C GLY A 123 -11.06 10.64 2.88
N ASP A 124 -12.06 11.49 2.70
CA ASP A 124 -13.14 11.27 1.73
C ASP A 124 -12.80 11.87 0.38
N GLY A 125 -11.73 12.64 0.29
CA GLY A 125 -11.47 13.41 -0.90
C GLY A 125 -12.44 14.57 -1.05
N ASP A 126 -12.20 15.42 -2.04
CA ASP A 126 -13.10 16.53 -2.33
C ASP A 126 -14.02 16.25 -3.50
N GLY A 127 -14.01 15.03 -4.01
CA GLY A 127 -14.84 14.66 -5.15
C GLY A 127 -14.28 15.07 -6.49
N GLN A 128 -13.16 15.80 -6.51
CA GLN A 128 -12.51 16.24 -7.73
C GLN A 128 -11.14 15.57 -7.90
N THR A 129 -10.25 15.75 -6.92
CA THR A 129 -8.95 15.08 -6.95
C THR A 129 -9.09 13.62 -6.51
N PHE A 130 -9.89 13.35 -5.46
CA PHE A 130 -10.12 11.99 -4.98
C PHE A 130 -11.56 11.82 -4.59
N ILE A 131 -12.04 10.57 -4.70
CA ILE A 131 -13.20 10.06 -3.96
C ILE A 131 -12.66 9.32 -2.73
N PRO A 132 -13.50 8.78 -1.84
CA PRO A 132 -12.95 8.28 -0.57
C PRO A 132 -11.84 7.26 -0.80
N LEU A 133 -10.70 7.49 -0.15
CA LEU A 133 -9.46 6.88 -0.61
C LEU A 133 -9.36 5.40 -0.29
N SER A 134 -10.14 4.92 0.68
CA SER A 134 -10.17 3.50 0.97
C SER A 134 -10.80 2.68 -0.15
N GLY A 135 -11.37 3.32 -1.17
CA GLY A 135 -11.86 2.58 -2.32
C GLY A 135 -10.77 1.96 -3.18
N GLY A 136 -9.50 2.29 -2.95
CA GLY A 136 -8.42 1.71 -3.70
C GLY A 136 -7.69 0.67 -2.87
N ILE A 137 -7.70 -0.58 -3.35
N ILE A 137 -7.72 -0.57 -3.35
CA ILE A 137 -6.99 -1.62 -2.62
CA ILE A 137 -7.00 -1.65 -2.67
C ILE A 137 -5.49 -1.34 -2.57
C ILE A 137 -5.52 -1.32 -2.57
N ASP A 138 -4.93 -0.79 -3.65
CA ASP A 138 -3.52 -0.42 -3.61
C ASP A 138 -3.25 0.68 -2.58
N VAL A 139 -4.19 1.60 -2.40
CA VAL A 139 -4.06 2.65 -1.38
C VAL A 139 -4.06 2.05 0.02
N VAL A 140 -5.04 1.20 0.32
CA VAL A 140 -5.12 0.58 1.64
C VAL A 140 -3.83 -0.19 1.93
N ALA A 141 -3.39 -1.01 0.98
CA ALA A 141 -2.17 -1.78 1.20
C ALA A 141 -0.95 -0.87 1.29
N HIS A 142 -0.92 0.23 0.53
CA HIS A 142 0.15 1.23 0.68
C HIS A 142 0.22 1.74 2.12
N GLU A 143 -0.94 2.07 2.69
CA GLU A 143 -0.95 2.59 4.06
C GLU A 143 -0.50 1.56 5.08
N LEU A 144 -1.04 0.33 4.99
CA LEU A 144 -0.64 -0.68 5.97
C LEU A 144 0.85 -1.02 5.82
N THR A 145 1.35 -0.94 4.59
CA THR A 145 2.77 -1.22 4.39
C THR A 145 3.64 -0.19 5.08
N HIS A 146 3.20 1.07 5.23
CA HIS A 146 3.98 2.01 6.03
C HIS A 146 4.19 1.48 7.45
N ALA A 147 3.16 0.86 8.04
CA ALA A 147 3.31 0.27 9.37
C ALA A 147 4.33 -0.88 9.36
N VAL A 148 4.29 -1.73 8.35
CA VAL A 148 5.28 -2.79 8.20
C VAL A 148 6.69 -2.21 8.13
N THR A 149 6.88 -1.22 7.27
CA THR A 149 8.19 -0.58 7.15
C THR A 149 8.63 -0.01 8.50
N ASP A 150 7.74 0.70 9.19
CA ASP A 150 8.12 1.33 10.44
C ASP A 150 8.55 0.32 11.48
N TYR A 151 7.95 -0.87 11.49
CA TYR A 151 8.31 -1.91 12.44
C TYR A 151 9.56 -2.68 12.04
N THR A 152 10.01 -2.57 10.79
CA THR A 152 11.08 -3.40 10.28
C THR A 152 12.25 -2.48 9.94
N ALA A 153 12.45 -2.12 8.67
CA ALA A 153 13.61 -1.31 8.29
C ALA A 153 13.60 0.05 8.99
N GLY A 154 12.43 0.64 9.21
CA GLY A 154 12.36 1.90 9.91
C GLY A 154 12.81 3.10 9.11
N LEU A 155 12.75 3.00 7.78
CA LEU A 155 13.23 4.04 6.88
C LEU A 155 12.68 5.42 7.25
N ILE A 156 13.61 6.35 7.51
CA ILE A 156 13.28 7.72 7.89
C ILE A 156 12.58 8.40 6.73
N TYR A 157 11.56 9.19 7.02
CA TYR A 157 10.65 9.68 5.97
C TYR A 157 11.14 10.99 5.34
N GLN A 158 12.33 10.95 4.77
CA GLN A 158 12.87 12.10 4.06
C GLN A 158 13.96 11.64 3.12
N ASN A 159 14.15 12.40 2.04
CA ASN A 159 15.28 12.19 1.11
C ASN A 159 15.27 10.75 0.59
N GLU A 160 16.44 10.14 0.37
CA GLU A 160 16.43 8.83 -0.29
C GLU A 160 15.79 7.76 0.56
N SER A 161 16.07 7.70 1.85
CA SER A 161 15.42 6.68 2.68
C SER A 161 13.90 6.80 2.61
N GLY A 162 13.40 8.05 2.56
CA GLY A 162 11.96 8.27 2.49
C GLY A 162 11.37 7.89 1.15
N ALA A 163 12.13 8.09 0.05
CA ALA A 163 11.68 7.63 -1.25
C ALA A 163 11.65 6.12 -1.33
N ILE A 164 12.60 5.43 -0.68
CA ILE A 164 12.52 3.97 -0.58
C ILE A 164 11.29 3.56 0.20
N ASN A 165 11.05 4.22 1.34
CA ASN A 165 9.87 3.98 2.16
C ASN A 165 8.61 4.06 1.29
N GLU A 166 8.49 5.15 0.52
CA GLU A 166 7.36 5.31 -0.40
C GLU A 166 7.28 4.20 -1.43
N ALA A 167 8.39 3.89 -2.09
CA ALA A 167 8.37 2.86 -3.11
C ALA A 167 7.97 1.50 -2.52
N ILE A 168 8.45 1.18 -1.32
CA ILE A 168 8.04 -0.08 -0.69
C ILE A 168 6.52 -0.14 -0.54
N SER A 169 5.91 0.98 -0.12
CA SER A 169 4.45 1.04 0.00
C SER A 169 3.76 0.93 -1.37
N ASP A 170 4.31 1.52 -2.43
CA ASP A 170 3.72 1.37 -3.76
C ASP A 170 3.91 -0.05 -4.32
N ILE A 171 5.09 -0.63 -4.09
CA ILE A 171 5.38 -2.00 -4.54
C ILE A 171 4.41 -2.98 -3.90
N PHE A 172 4.34 -2.98 -2.56
CA PHE A 172 3.44 -3.93 -1.91
C PHE A 172 1.99 -3.56 -2.10
N GLY A 173 1.67 -2.27 -2.24
CA GLY A 173 0.30 -1.92 -2.59
C GLY A 173 -0.12 -2.58 -3.90
N THR A 174 0.77 -2.53 -4.89
CA THR A 174 0.52 -3.16 -6.18
C THR A 174 0.50 -4.67 -6.08
N LEU A 175 1.42 -5.29 -5.33
CA LEU A 175 1.40 -6.73 -5.20
C LEU A 175 0.13 -7.21 -4.50
N VAL A 176 -0.39 -6.45 -3.52
CA VAL A 176 -1.70 -6.80 -2.94
C VAL A 176 -2.81 -6.67 -3.97
N GLU A 177 -2.76 -5.61 -4.79
CA GLU A 177 -3.76 -5.45 -5.84
C GLU A 177 -3.74 -6.66 -6.78
N PHE A 178 -2.54 -7.14 -7.16
CA PHE A 178 -2.47 -8.34 -7.98
C PHE A 178 -2.95 -9.58 -7.22
N TYR A 179 -2.65 -9.69 -5.92
CA TYR A 179 -3.10 -10.82 -5.11
C TYR A 179 -4.61 -10.94 -5.13
N ALA A 180 -5.32 -9.82 -4.98
CA ALA A 180 -6.79 -9.84 -5.02
C ALA A 180 -7.29 -10.07 -6.44
N ASN A 181 -6.54 -9.64 -7.43
CA ASN A 181 -6.75 -9.97 -8.84
C ASN A 181 -8.04 -9.38 -9.44
N LYS A 182 -8.38 -8.16 -9.03
CA LYS A 182 -9.46 -7.40 -9.66
C LYS A 182 -8.86 -6.16 -10.34
N ASN A 183 -8.88 -6.16 -11.66
CA ASN A 183 -8.34 -5.07 -12.46
C ASN A 183 -6.93 -4.65 -12.02
N PRO A 184 -6.00 -5.60 -11.86
CA PRO A 184 -4.68 -5.23 -11.35
C PRO A 184 -3.85 -4.55 -12.41
N ASP A 185 -2.98 -3.66 -11.95
CA ASP A 185 -2.13 -2.87 -12.83
C ASP A 185 -0.92 -2.42 -12.00
N TRP A 186 0.00 -1.73 -12.68
CA TRP A 186 1.19 -1.15 -12.10
C TRP A 186 1.05 0.36 -11.89
N GLU A 187 -0.19 0.84 -11.76
CA GLU A 187 -0.52 2.21 -11.48
C GLU A 187 -0.94 2.33 -10.02
N ILE A 188 -0.82 3.54 -9.45
CA ILE A 188 -1.16 3.77 -8.04
C ILE A 188 -2.38 4.68 -7.94
N GLY A 189 -3.43 4.17 -7.30
CA GLY A 189 -4.56 5.01 -6.91
C GLY A 189 -5.61 5.25 -7.97
N GLU A 190 -5.52 4.55 -9.11
CA GLU A 190 -6.40 4.80 -10.24
C GLU A 190 -7.87 4.68 -9.88
N ASP A 191 -8.23 3.81 -8.93
CA ASP A 191 -9.64 3.57 -8.64
C ASP A 191 -10.30 4.73 -7.91
N VAL A 192 -9.52 5.59 -7.25
CA VAL A 192 -10.08 6.67 -6.45
C VAL A 192 -9.62 8.04 -6.89
N TYR A 193 -8.73 8.15 -7.86
CA TYR A 193 -8.17 9.42 -8.31
C TYR A 193 -9.01 10.00 -9.45
N THR A 194 -9.26 11.32 -9.36
CA THR A 194 -9.87 12.13 -10.42
C THR A 194 -11.06 11.43 -11.09
N PRO A 195 -12.20 11.36 -10.41
CA PRO A 195 -13.35 10.67 -11.01
C PRO A 195 -13.79 11.28 -12.34
N GLY A 196 -13.48 12.53 -12.61
CA GLY A 196 -13.86 13.13 -13.88
C GLY A 196 -12.89 12.90 -15.03
N ILE A 197 -11.79 12.18 -14.79
CA ILE A 197 -10.77 11.92 -15.80
C ILE A 197 -10.51 10.42 -15.84
N SER A 198 -10.77 9.79 -16.98
CA SER A 198 -10.53 8.38 -17.14
C SER A 198 -9.07 8.12 -17.53
N GLY A 199 -8.55 6.98 -17.08
CA GLY A 199 -7.29 6.49 -17.60
C GLY A 199 -6.04 7.03 -16.95
N ASP A 200 -6.17 7.84 -15.89
CA ASP A 200 -5.04 8.43 -15.20
C ASP A 200 -4.85 7.76 -13.84
N SER A 201 -3.86 8.22 -13.11
N SER A 201 -3.81 8.19 -13.14
CA SER A 201 -3.60 7.70 -11.77
CA SER A 201 -3.40 7.62 -11.86
C SER A 201 -2.67 8.68 -11.08
C SER A 201 -2.67 8.71 -11.09
N LEU A 202 -2.46 8.45 -9.79
CA LEU A 202 -1.63 9.34 -9.01
C LEU A 202 -0.14 9.16 -9.37
N ARG A 203 0.30 7.91 -9.48
CA ARG A 203 1.64 7.56 -9.92
C ARG A 203 1.53 6.36 -10.84
N SER A 204 2.57 6.18 -11.66
CA SER A 204 2.75 4.98 -12.46
C SER A 204 4.09 4.35 -12.10
N MET A 205 4.08 3.03 -11.85
CA MET A 205 5.35 2.32 -11.67
C MET A 205 5.97 1.91 -12.99
N SER A 206 5.14 1.59 -13.99
CA SER A 206 5.65 1.18 -15.29
C SER A 206 6.24 2.34 -16.07
N ASP A 207 5.73 3.55 -15.86
CA ASP A 207 6.22 4.74 -16.54
C ASP A 207 6.05 5.95 -15.64
N PRO A 208 6.90 6.08 -14.61
CA PRO A 208 6.72 7.17 -13.64
C PRO A 208 6.65 8.54 -14.27
N ALA A 209 7.37 8.74 -15.38
CA ALA A 209 7.46 10.05 -16.01
C ALA A 209 6.11 10.51 -16.57
N LYS A 210 5.18 9.59 -16.78
CA LYS A 210 3.84 9.96 -17.25
C LYS A 210 3.18 10.96 -16.32
N TYR A 211 3.49 10.90 -15.02
CA TYR A 211 2.93 11.78 -14.00
C TYR A 211 4.03 12.61 -13.32
N GLY A 212 5.07 12.93 -14.09
CA GLY A 212 6.11 13.87 -13.71
C GLY A 212 7.21 13.33 -12.84
N ASP A 213 7.21 12.07 -12.52
CA ASP A 213 8.18 11.54 -11.60
C ASP A 213 9.37 10.92 -12.33
N PRO A 214 10.54 11.00 -11.73
CA PRO A 214 11.75 10.51 -12.40
C PRO A 214 11.76 9.00 -12.54
N ASP A 215 12.38 8.57 -13.64
CA ASP A 215 12.57 7.16 -13.97
C ASP A 215 14.05 6.82 -14.14
N HIS A 216 14.92 7.68 -13.61
CA HIS A 216 16.35 7.51 -13.67
C HIS A 216 16.96 8.39 -12.59
N TYR A 217 18.00 7.89 -11.94
CA TYR A 217 18.64 8.62 -10.84
C TYR A 217 19.15 10.00 -11.27
N SER A 218 19.55 10.16 -12.54
CA SER A 218 20.04 11.45 -13.01
C SER A 218 18.95 12.50 -13.05
N LYS A 219 17.69 12.09 -12.93
CA LYS A 219 16.55 13.01 -12.91
C LYS A 219 15.96 13.19 -11.52
N ARG A 220 16.66 12.76 -10.48
CA ARG A 220 16.13 12.86 -9.12
C ARG A 220 15.92 14.32 -8.72
N TYR A 221 14.91 14.52 -7.88
CA TYR A 221 14.62 15.81 -7.27
C TYR A 221 15.51 16.00 -6.05
N THR A 222 16.08 17.19 -5.94
CA THR A 222 17.07 17.48 -4.93
C THR A 222 16.63 18.60 -3.99
N GLY A 223 15.40 19.13 -4.16
CA GLY A 223 14.90 20.21 -3.33
C GLY A 223 14.27 19.72 -2.05
N THR A 224 13.56 20.63 -1.37
CA THR A 224 13.05 20.36 -0.02
C THR A 224 11.55 20.05 0.03
N GLN A 225 10.81 20.28 -1.05
CA GLN A 225 9.37 20.02 -1.00
C GLN A 225 9.13 18.53 -0.77
N ASP A 226 7.98 18.19 -0.20
CA ASP A 226 7.56 16.80 -0.08
C ASP A 226 8.60 15.98 0.66
N ASN A 227 9.15 16.54 1.74
CA ASN A 227 10.14 15.85 2.56
C ASN A 227 11.36 15.42 1.72
N GLY A 228 11.78 16.29 0.80
CA GLY A 228 12.85 15.95 -0.10
C GLY A 228 12.42 15.05 -1.23
N GLY A 229 11.17 15.15 -1.66
CA GLY A 229 10.71 14.40 -2.82
C GLY A 229 10.34 12.95 -2.58
N VAL A 230 9.82 12.58 -1.41
CA VAL A 230 9.60 11.16 -1.15
C VAL A 230 8.59 10.53 -2.10
N HIS A 231 7.56 11.29 -2.54
CA HIS A 231 6.56 10.80 -3.49
C HIS A 231 6.95 11.04 -4.95
N ILE A 232 8.12 11.62 -5.16
CA ILE A 232 8.66 11.96 -6.47
C ILE A 232 9.76 10.98 -6.82
N ASN A 233 10.82 10.94 -6.00
CA ASN A 233 11.94 10.05 -6.24
C ASN A 233 11.60 8.58 -6.04
N SER A 234 10.46 8.27 -5.41
CA SER A 234 9.99 6.90 -5.40
C SER A 234 9.87 6.33 -6.80
N GLY A 235 9.67 7.19 -7.82
CA GLY A 235 9.56 6.70 -9.19
C GLY A 235 10.78 5.94 -9.66
N ILE A 236 11.96 6.32 -9.17
CA ILE A 236 13.20 5.65 -9.59
C ILE A 236 13.20 4.21 -9.11
N ILE A 237 12.79 3.98 -7.85
CA ILE A 237 12.74 2.62 -7.29
C ILE A 237 11.53 1.86 -7.82
N ASN A 238 10.39 2.53 -7.97
CA ASN A 238 9.23 1.88 -8.56
C ASN A 238 9.54 1.35 -9.95
N LYS A 239 10.25 2.15 -10.76
CA LYS A 239 10.64 1.70 -12.10
C LYS A 239 11.56 0.49 -12.02
N ALA A 240 12.53 0.51 -11.12
CA ALA A 240 13.41 -0.65 -10.97
C ALA A 240 12.62 -1.90 -10.61
N ALA A 241 11.68 -1.77 -9.68
CA ALA A 241 10.84 -2.91 -9.27
C ALA A 241 10.00 -3.43 -10.43
N TYR A 242 9.38 -2.52 -11.17
CA TYR A 242 8.63 -2.89 -12.36
C TYR A 242 9.51 -3.67 -13.33
N LEU A 243 10.72 -3.18 -13.58
CA LEU A 243 11.62 -3.85 -14.51
C LEU A 243 12.03 -5.24 -14.01
N ILE A 244 12.34 -5.37 -12.72
CA ILE A 244 12.67 -6.69 -12.17
C ILE A 244 11.56 -7.67 -12.47
N SER A 245 10.30 -7.26 -12.23
CA SER A 245 9.17 -8.16 -12.43
C SER A 245 8.89 -8.40 -13.90
N GLN A 246 8.73 -7.33 -14.68
CA GLN A 246 8.14 -7.41 -16.01
C GLN A 246 9.16 -7.36 -17.13
N GLY A 247 10.39 -6.93 -16.85
CA GLY A 247 11.41 -6.77 -17.86
C GLY A 247 11.19 -5.56 -18.73
N GLY A 248 12.17 -5.27 -19.57
CA GLY A 248 12.11 -4.17 -20.52
C GLY A 248 13.50 -3.67 -20.83
N THR A 249 13.58 -2.79 -21.81
CA THR A 249 14.82 -2.08 -22.11
C THR A 249 14.56 -0.61 -21.86
N HIS A 250 15.35 -0.01 -20.96
CA HIS A 250 15.09 1.30 -20.43
C HIS A 250 16.40 2.07 -20.46
N TYR A 251 16.40 3.22 -21.14
CA TYR A 251 17.61 3.96 -21.45
C TYR A 251 18.70 3.04 -22.01
N GLY A 252 18.28 2.11 -22.88
CA GLY A 252 19.19 1.22 -23.56
C GLY A 252 19.66 0.01 -22.76
N VAL A 253 19.24 -0.15 -21.51
CA VAL A 253 19.67 -1.25 -20.65
C VAL A 253 18.54 -2.27 -20.61
N SER A 254 18.85 -3.51 -20.99
CA SER A 254 17.83 -4.56 -21.06
C SER A 254 17.76 -5.35 -19.77
N VAL A 255 16.53 -5.60 -19.31
CA VAL A 255 16.27 -6.32 -18.07
C VAL A 255 15.38 -7.51 -18.41
N VAL A 256 15.80 -8.69 -17.98
CA VAL A 256 14.98 -9.90 -18.11
C VAL A 256 14.05 -10.00 -16.90
N GLY A 257 12.75 -9.99 -17.15
CA GLY A 257 11.80 -10.04 -16.04
C GLY A 257 11.76 -11.41 -15.39
N ILE A 258 11.53 -11.40 -14.06
CA ILE A 258 11.45 -12.63 -13.28
C ILE A 258 10.09 -12.84 -12.64
N GLY A 259 9.16 -11.89 -12.80
CA GLY A 259 7.80 -12.04 -12.31
C GLY A 259 7.56 -11.43 -10.93
N ARG A 260 6.27 -11.23 -10.63
CA ARG A 260 5.85 -10.49 -9.44
C ARG A 260 6.19 -11.23 -8.15
N ASP A 261 6.01 -12.55 -8.14
CA ASP A 261 6.23 -13.29 -6.90
C ASP A 261 7.67 -13.18 -6.44
N LYS A 262 8.61 -13.33 -7.38
CA LYS A 262 10.01 -13.21 -7.01
C LYS A 262 10.38 -11.77 -6.65
N LEU A 263 9.81 -10.79 -7.35
CA LEU A 263 9.99 -9.40 -6.94
C LEU A 263 9.60 -9.24 -5.46
N GLY A 264 8.40 -9.73 -5.10
CA GLY A 264 7.93 -9.58 -3.74
C GLY A 264 8.84 -10.27 -2.74
N LYS A 265 9.33 -11.48 -3.08
CA LYS A 265 10.22 -12.19 -2.16
C LYS A 265 11.50 -11.40 -1.94
N ILE A 266 12.08 -10.89 -3.02
CA ILE A 266 13.33 -10.15 -2.93
C ILE A 266 13.17 -8.90 -2.10
N PHE A 267 12.12 -8.11 -2.37
CA PHE A 267 11.93 -6.85 -1.66
C PHE A 267 11.49 -7.07 -0.22
N TYR A 268 10.68 -8.10 0.04
CA TYR A 268 10.32 -8.38 1.43
C TYR A 268 11.55 -8.74 2.25
N ARG A 269 12.41 -9.59 1.69
CA ARG A 269 13.64 -9.95 2.40
C ARG A 269 14.54 -8.74 2.59
N ALA A 270 14.67 -7.91 1.56
CA ALA A 270 15.51 -6.72 1.71
C ALA A 270 14.98 -5.83 2.83
N LEU A 271 13.66 -5.62 2.85
CA LEU A 271 13.02 -4.74 3.83
C LEU A 271 13.23 -5.24 5.25
N THR A 272 13.12 -6.55 5.45
CA THR A 272 13.08 -7.13 6.78
C THR A 272 14.42 -7.64 7.27
N GLN A 273 15.41 -7.85 6.40
CA GLN A 273 16.71 -8.35 6.82
C GLN A 273 17.88 -7.41 6.57
N TYR A 274 17.78 -6.48 5.63
CA TYR A 274 18.98 -5.74 5.23
C TYR A 274 18.85 -4.23 5.34
N LEU A 275 17.70 -3.64 5.05
CA LEU A 275 17.59 -2.19 5.09
C LEU A 275 17.61 -1.67 6.54
N THR A 276 18.01 -0.43 6.67
CA THR A 276 18.10 0.22 7.96
C THR A 276 17.40 1.58 7.86
N PRO A 277 17.27 2.33 8.95
CA PRO A 277 16.51 3.57 8.87
C PRO A 277 17.09 4.56 7.90
N THR A 278 18.41 4.53 7.67
CA THR A 278 19.07 5.54 6.85
C THR A 278 19.50 5.01 5.48
N SER A 279 19.07 3.83 5.07
CA SER A 279 19.48 3.30 3.77
C SER A 279 19.19 4.28 2.63
N ASN A 280 20.16 4.41 1.73
CA ASN A 280 20.01 5.17 0.50
C ASN A 280 19.80 4.23 -0.69
N PHE A 281 19.62 4.80 -1.89
CA PHE A 281 19.30 3.97 -3.05
C PHE A 281 20.40 2.95 -3.34
N SER A 282 21.66 3.34 -3.22
CA SER A 282 22.75 2.42 -3.48
C SER A 282 22.73 1.26 -2.49
N GLN A 283 22.41 1.56 -1.24
CA GLN A 283 22.30 0.52 -0.22
C GLN A 283 21.09 -0.37 -0.47
N LEU A 284 20.00 0.18 -1.02
CA LEU A 284 18.89 -0.67 -1.42
C LEU A 284 19.31 -1.63 -2.53
N ARG A 285 20.03 -1.15 -3.53
CA ARG A 285 20.54 -2.05 -4.56
C ARG A 285 21.30 -3.21 -3.92
N ALA A 286 22.23 -2.89 -3.01
CA ALA A 286 23.03 -3.94 -2.37
C ALA A 286 22.13 -4.91 -1.61
N ALA A 287 21.14 -4.39 -0.88
CA ALA A 287 20.24 -5.24 -0.12
C ALA A 287 19.41 -6.16 -1.03
N ALA A 288 18.96 -5.64 -2.17
CA ALA A 288 18.21 -6.45 -3.11
C ALA A 288 19.09 -7.52 -3.76
N VAL A 289 20.33 -7.17 -4.10
CA VAL A 289 21.27 -8.17 -4.64
C VAL A 289 21.52 -9.26 -3.61
N GLN A 290 21.78 -8.88 -2.37
CA GLN A 290 22.03 -9.89 -1.35
C GLN A 290 20.81 -10.76 -1.11
N SER A 291 19.63 -10.15 -1.09
CA SER A 291 18.39 -10.90 -0.89
C SER A 291 18.18 -11.92 -2.00
N ALA A 292 18.36 -11.49 -3.25
CA ALA A 292 18.21 -12.41 -4.37
C ALA A 292 19.26 -13.51 -4.32
N THR A 293 20.48 -13.18 -3.86
CA THR A 293 21.51 -14.20 -3.72
C THR A 293 21.10 -15.23 -2.67
N ASP A 294 20.60 -14.79 -1.52
CA ASP A 294 20.12 -15.71 -0.50
C ASP A 294 19.04 -16.64 -1.04
N LEU A 295 18.10 -16.09 -1.79
CA LEU A 295 16.92 -16.85 -2.20
C LEU A 295 17.19 -17.75 -3.40
N TYR A 296 18.05 -17.32 -4.33
CA TYR A 296 18.14 -17.94 -5.65
C TYR A 296 19.55 -18.32 -6.07
N GLY A 297 20.57 -17.82 -5.39
CA GLY A 297 21.95 -18.18 -5.69
C GLY A 297 22.67 -17.10 -6.48
N SER A 298 23.98 -16.99 -6.24
CA SER A 298 24.77 -15.92 -6.84
C SER A 298 24.77 -15.95 -8.36
N THR A 299 24.68 -17.13 -8.98
CA THR A 299 24.72 -17.24 -10.43
C THR A 299 23.34 -17.21 -11.07
N SER A 300 22.29 -16.88 -10.30
CA SER A 300 20.93 -17.00 -10.79
C SER A 300 20.55 -15.86 -11.72
N GLN A 301 19.55 -16.14 -12.56
CA GLN A 301 18.94 -15.07 -13.35
C GLN A 301 18.38 -13.98 -12.47
N GLU A 302 17.82 -14.35 -11.32
CA GLU A 302 17.19 -13.38 -10.44
C GLU A 302 18.20 -12.33 -9.98
N VAL A 303 19.40 -12.75 -9.57
CA VAL A 303 20.44 -11.79 -9.18
C VAL A 303 20.83 -10.93 -10.38
N ALA A 304 21.03 -11.55 -11.54
CA ALA A 304 21.44 -10.79 -12.71
C ALA A 304 20.40 -9.73 -13.08
N SER A 305 19.12 -10.08 -12.97
CA SER A 305 18.05 -9.13 -13.31
C SER A 305 17.94 -7.98 -12.30
N VAL A 306 18.17 -8.24 -11.01
CA VAL A 306 18.22 -7.15 -10.03
C VAL A 306 19.29 -6.15 -10.43
N LYS A 307 20.49 -6.64 -10.78
CA LYS A 307 21.56 -5.74 -11.19
C LYS A 307 21.21 -4.95 -12.44
N GLN A 308 20.65 -5.64 -13.45
N GLN A 308 20.64 -5.61 -13.46
CA GLN A 308 20.21 -5.00 -14.69
CA GLN A 308 20.29 -4.87 -14.67
C GLN A 308 19.24 -3.87 -14.40
C GLN A 308 19.23 -3.81 -14.40
N ALA A 309 18.25 -4.12 -13.55
CA ALA A 309 17.19 -3.14 -13.28
C ALA A 309 17.73 -1.89 -12.58
N PHE A 310 18.62 -2.07 -11.59
CA PHE A 310 19.20 -0.90 -10.94
C PHE A 310 20.16 -0.17 -11.89
N ASP A 311 20.89 -0.90 -12.75
CA ASP A 311 21.67 -0.23 -13.78
C ASP A 311 20.77 0.62 -14.68
N ALA A 312 19.62 0.08 -15.08
CA ALA A 312 18.72 0.77 -16.00
C ALA A 312 18.23 2.11 -15.44
N VAL A 313 18.08 2.20 -14.11
CA VAL A 313 17.64 3.44 -13.47
C VAL A 313 18.81 4.25 -12.90
N GLY A 314 20.04 3.88 -13.21
CA GLY A 314 21.19 4.68 -12.85
C GLY A 314 21.62 4.60 -11.40
N VAL A 315 21.30 3.51 -10.70
CA VAL A 315 21.65 3.33 -9.30
C VAL A 315 22.73 2.26 -9.20
N LYS A 316 23.92 2.67 -8.75
CA LYS A 316 25.04 1.76 -8.57
C LYS A 316 25.27 1.38 -7.11
ZN ZN B . 3.04 6.63 1.42
CA CA C . -3.30 0.09 -9.00
CA CA D . -27.08 -0.77 8.45
CA CA E . -6.34 -1.46 -10.72
CA CA F . -9.24 9.39 -12.76
S DMS G . 20.64 9.22 -18.14
O DMS G . 21.83 9.95 -18.70
C1 DMS G . 19.14 10.03 -18.70
C2 DMS G . 20.52 7.70 -19.12
S DMS H . -14.78 -10.98 20.30
O DMS H . -15.21 -11.17 21.72
C1 DMS H . -13.04 -10.48 20.34
C2 DMS H . -14.53 -12.66 19.67
S DMS I . 0.08 14.50 7.07
O DMS I . 0.15 15.98 6.94
C1 DMS I . -1.38 14.09 8.04
C2 DMS I . -0.35 13.72 5.51
C1 6NG J . 3.97 10.38 9.63
C2 6NG J . 3.33 10.39 10.88
C3 6NG J . 2.05 10.94 11.01
C7 6NG J . 3.98 10.94 7.12
C9 6NG J . 2.55 10.72 5.14
C12 6NG J . 1.04 10.05 3.28
C19 6NG J . -1.93 7.58 -2.02
C20 6NG J . -1.47 6.12 -2.08
C21 6NG J . -3.39 7.70 -2.51
C22 6NG J . 0.33 9.33 -1.05
C27 6NG J . -1.63 12.51 -2.23
N16 6NG J . -0.47 8.82 1.22
C17 6NG J . -0.34 8.33 -0.14
N24 6NG J . 0.13 10.63 -0.76
C25 6NG J . 0.70 11.68 -1.59
C26 6NG J . -0.25 12.90 -1.64
C28 6NG J . 0.45 14.10 -2.36
C29 6NG J . 1.82 14.39 -1.66
C30 6NG J . 0.74 13.74 -3.85
C31 6NG J . -0.43 15.36 -2.26
O23 6NG J . 0.97 8.96 -2.03
C18 6NG J . -1.81 8.14 -0.59
P13 6NG J . 0.93 8.55 2.28
C6 6NG J . 3.32 10.92 8.50
C5 6NG J . 2.03 11.43 8.67
C4 6NG J . 1.40 11.43 9.90
O14 6NG J . 2.15 8.41 1.41
O15 6NG J . 0.74 7.35 3.16
N11 6NG J . 1.81 9.80 4.50
O8 6NG J . 3.19 10.14 6.18
O10 6NG J . 2.65 11.87 4.74
#